data_3R7T
#
_entry.id   3R7T
#
_cell.length_a   127.232
_cell.length_b   127.232
_cell.length_c   122.250
_cell.angle_alpha   90.00
_cell.angle_beta   90.00
_cell.angle_gamma   120.00
#
_symmetry.space_group_name_H-M   'P 64 2 2'
#
loop_
_entity.id
_entity.type
_entity.pdbx_description
1 polymer 'Adenylosuccinate synthetase'
2 non-polymer 'CITRIC ACID'
3 non-polymer 'TRIETHYLENE GLYCOL'
4 non-polymer DI(HYDROXYETHYL)ETHER
5 non-polymer GLYCEROL
6 non-polymer 'CHLORIDE ION'
7 water water
#
_entity_poly.entity_id   1
_entity_poly.type   'polypeptide(L)'
_entity_poly.pdbx_seq_one_letter_code
;SNA(MSE)SKADIIVGIQWGDEGKGKVVDKLCENYDFVCRSAGGHNAGHTIWVNGVRYALHL(MSE)PSGVLHPRCINII
GNGVVVSPEVLIAE(MSE)AQFENLKGRLYISDRAHLNLKHHSLIDIAKEKLKGKNAIGTTGKGIGPSYADKINRTGHRV
GELLEPQRLCEALIKDFEANKTFFE(MSE)LEIEIPSAEELLADLKRFNEILTPYITDTTR(MSE)LWKALDEDKRVLLE
GAQGS(MSE)LDIDHGTYPYVTSSSTISAGTLTGLGLNPKEAGNIIGIVKAYATRVGNGAFPTEDKGEDGEKIAQIGKEI
GVSTGRKRRCGWFDAVAVRYTARLNGLDALSL(MSE)KLDVLDGFEKIKICRAYEYKG(MSE)EIDYIPSDLENVQPIYE
E(MSE)DGWDKVFGIKDYDLLPENAKKYIARLEELAGVKVKYISTSPERDDTIIL
;
_entity_poly.pdbx_strand_id   A
#
# COMPACT_ATOMS: atom_id res chain seq x y z
N SER A 5 -20.03 -15.11 6.14
CA SER A 5 -18.83 -14.90 6.97
C SER A 5 -17.88 -13.88 6.28
N LYS A 6 -17.25 -12.98 7.04
CA LYS A 6 -16.69 -11.77 6.43
C LYS A 6 -15.20 -11.50 6.65
N ALA A 7 -14.59 -10.74 5.73
CA ALA A 7 -13.18 -10.35 5.84
C ALA A 7 -13.06 -8.89 6.23
N ASP A 8 -12.26 -8.59 7.26
CA ASP A 8 -11.97 -7.22 7.60
C ASP A 8 -10.95 -6.66 6.62
N ILE A 9 -10.89 -5.34 6.53
CA ILE A 9 -10.03 -4.68 5.57
C ILE A 9 -9.28 -3.49 6.18
N ILE A 10 -8.01 -3.35 5.80
CA ILE A 10 -7.28 -2.20 6.28
C ILE A 10 -6.54 -1.53 5.14
N VAL A 11 -6.72 -0.21 5.01
CA VAL A 11 -6.14 0.55 3.91
C VAL A 11 -5.53 1.85 4.41
N GLY A 12 -4.41 2.27 3.83
CA GLY A 12 -3.93 3.66 3.90
C GLY A 12 -4.71 4.63 3.01
N ILE A 13 -5.24 5.70 3.60
CA ILE A 13 -6.20 6.56 2.90
C ILE A 13 -5.68 7.89 2.32
N GLN A 14 -4.40 8.08 2.50
CA GLN A 14 -3.59 9.14 1.93
C GLN A 14 -2.83 8.73 0.66
N TRP A 15 -1.69 9.37 0.47
CA TRP A 15 -0.72 9.03 -0.56
C TRP A 15 0.31 7.93 -0.19
N GLY A 16 0.03 7.14 0.81
CA GLY A 16 0.95 6.09 1.21
C GLY A 16 1.75 6.54 2.44
N ASP A 17 2.58 5.64 2.97
CA ASP A 17 3.38 5.94 4.17
C ASP A 17 2.53 6.43 5.33
N GLU A 18 1.29 5.97 5.40
CA GLU A 18 0.39 6.38 6.48
C GLU A 18 0.86 5.75 7.80
N GLY A 19 1.84 4.86 7.70
CA GLY A 19 2.29 4.04 8.81
C GLY A 19 1.44 2.83 9.16
N LYS A 20 1.10 2.03 8.14
CA LYS A 20 0.33 0.82 8.37
C LYS A 20 1.01 -0.20 9.28
N GLY A 21 2.33 -0.36 9.15
CA GLY A 21 3.01 -1.47 9.76
C GLY A 21 2.73 -1.64 11.24
N LYS A 22 2.98 -0.60 12.03
CA LYS A 22 2.61 -0.71 13.43
C LYS A 22 1.16 -1.24 13.57
N VAL A 23 0.24 -0.74 12.74
CA VAL A 23 -1.18 -1.15 12.83
C VAL A 23 -1.44 -2.58 12.35
N VAL A 24 -1.02 -2.89 11.14
CA VAL A 24 -1.33 -4.21 10.61
C VAL A 24 -0.67 -5.28 11.47
N ASP A 25 0.55 -5.02 11.90
CA ASP A 25 1.30 -5.99 12.68
C ASP A 25 0.61 -6.34 14.01
N LYS A 26 0.15 -5.32 14.72
CA LYS A 26 -0.61 -5.56 15.95
C LYS A 26 -1.85 -6.40 15.69
N LEU A 27 -2.59 -6.07 14.63
CA LEU A 27 -3.83 -6.78 14.31
C LEU A 27 -3.71 -8.24 13.92
N CYS A 28 -2.57 -8.61 13.34
CA CYS A 28 -2.42 -9.92 12.71
C CYS A 28 -2.66 -11.06 13.65
N GLU A 29 -2.27 -10.86 14.90
CA GLU A 29 -2.39 -11.90 15.92
C GLU A 29 -3.83 -12.41 15.97
N ASN A 30 -4.78 -11.55 15.63
CA ASN A 30 -6.20 -11.92 15.70
C ASN A 30 -6.79 -12.55 14.45
N TYR A 31 -5.96 -12.81 13.45
CA TYR A 31 -6.51 -13.35 12.20
C TYR A 31 -5.89 -14.67 11.83
N ASP A 32 -6.68 -15.50 11.19
CA ASP A 32 -6.12 -16.74 10.62
C ASP A 32 -5.47 -16.56 9.26
N PHE A 33 -6.02 -15.63 8.48
CA PHE A 33 -5.55 -15.35 7.12
C PHE A 33 -5.28 -13.87 6.95
N VAL A 34 -4.12 -13.55 6.39
CA VAL A 34 -3.80 -12.18 6.01
C VAL A 34 -3.49 -12.20 4.50
N CYS A 35 -4.16 -11.31 3.76
CA CYS A 35 -4.17 -11.38 2.30
C CYS A 35 -3.74 -10.09 1.65
N ARG A 36 -2.91 -10.20 0.61
CA ARG A 36 -2.60 -9.08 -0.26
C ARG A 36 -3.37 -9.22 -1.56
N SER A 37 -3.85 -8.10 -2.06
CA SER A 37 -4.82 -8.08 -3.17
C SER A 37 -4.29 -7.66 -4.55
N ALA A 38 -3.70 -6.49 -4.61
CA ALA A 38 -3.30 -5.92 -5.88
C ALA A 38 -1.93 -5.23 -5.76
N GLY A 39 -1.51 -4.63 -6.86
CA GLY A 39 -0.25 -3.90 -6.89
C GLY A 39 0.92 -4.82 -7.19
N GLY A 40 2.07 -4.22 -7.47
CA GLY A 40 3.31 -4.99 -7.57
C GLY A 40 4.06 -4.82 -6.26
N HIS A 41 5.38 -4.85 -6.35
CA HIS A 41 6.22 -4.75 -5.17
C HIS A 41 6.55 -3.30 -4.79
N ASN A 42 5.92 -2.35 -5.48
N ASN A 42 5.93 -2.33 -5.45
CA ASN A 42 5.90 -0.94 -5.09
CA ASN A 42 5.99 -0.94 -5.01
C ASN A 42 5.05 -0.71 -3.83
C ASN A 42 5.08 -0.72 -3.79
N ALA A 43 4.25 -1.71 -3.48
CA ALA A 43 3.35 -1.64 -2.33
C ALA A 43 4.00 -2.12 -1.03
N GLY A 44 3.19 -2.21 0.02
CA GLY A 44 3.64 -2.71 1.31
C GLY A 44 4.50 -1.71 2.07
N HIS A 45 5.55 -2.22 2.71
CA HIS A 45 6.37 -1.44 3.64
C HIS A 45 7.53 -2.27 4.19
N THR A 46 8.41 -1.64 4.95
CA THR A 46 9.39 -2.37 5.72
C THR A 46 9.05 -2.20 7.19
N ILE A 47 9.41 -3.18 8.02
CA ILE A 47 9.13 -3.04 9.43
C ILE A 47 10.29 -3.56 10.29
N TRP A 48 10.58 -2.80 11.34
CA TRP A 48 11.64 -3.14 12.27
C TRP A 48 11.05 -3.99 13.40
N VAL A 49 11.58 -5.20 13.60
CA VAL A 49 11.18 -6.00 14.75
C VAL A 49 12.39 -6.31 15.60
N ASN A 50 12.35 -5.87 16.86
CA ASN A 50 13.41 -6.17 17.82
C ASN A 50 14.76 -5.98 17.13
N GLY A 51 14.89 -4.86 16.40
CA GLY A 51 16.16 -4.45 15.79
C GLY A 51 16.50 -5.07 14.45
N VAL A 52 15.53 -5.72 13.83
CA VAL A 52 15.78 -6.35 12.54
C VAL A 52 14.84 -5.81 11.48
N ARG A 53 15.39 -5.50 10.31
CA ARG A 53 14.63 -4.89 9.24
C ARG A 53 13.97 -5.95 8.37
N TYR A 54 12.63 -5.92 8.31
CA TYR A 54 11.89 -6.83 7.42
C TYR A 54 11.23 -6.11 6.21
N ALA A 55 11.49 -6.60 5.01
CA ALA A 55 10.85 -6.09 3.81
C ALA A 55 9.61 -6.89 3.54
N LEU A 56 8.42 -6.30 3.68
CA LEU A 56 7.31 -6.95 3.01
C LEU A 56 6.73 -6.04 1.96
N HIS A 57 7.23 -6.18 0.74
CA HIS A 57 6.63 -5.59 -0.46
C HIS A 57 5.62 -6.45 -1.17
N LEU A 58 5.97 -7.73 -1.26
CA LEU A 58 5.13 -8.76 -1.84
C LEU A 58 4.34 -9.50 -0.77
N PRO A 60 2.35 -10.58 2.52
CA PRO A 60 1.42 -9.98 3.49
C PRO A 60 2.11 -9.90 4.84
N SER A 61 1.71 -8.94 5.65
CA SER A 61 2.39 -8.64 6.91
C SER A 61 2.26 -9.81 7.89
N GLY A 62 1.31 -10.69 7.63
CA GLY A 62 1.04 -11.78 8.55
C GLY A 62 2.18 -12.78 8.63
N VAL A 63 3.20 -12.69 7.77
CA VAL A 63 4.26 -13.68 7.80
C VAL A 63 5.14 -13.55 9.06
N LEU A 64 4.92 -12.51 9.84
CA LEU A 64 5.66 -12.29 11.07
C LEU A 64 4.89 -12.90 12.23
N HIS A 65 3.77 -13.52 11.89
CA HIS A 65 2.97 -14.21 12.88
C HIS A 65 2.75 -15.62 12.39
N PRO A 66 3.67 -16.53 12.76
CA PRO A 66 3.61 -17.91 12.30
C PRO A 66 2.23 -18.57 12.39
N ARG A 67 1.38 -18.20 13.33
CA ARG A 67 -0.01 -18.67 13.29
C ARG A 67 -0.81 -18.28 12.02
N CYS A 68 -0.41 -17.20 11.35
CA CYS A 68 -1.18 -16.70 10.20
C CYS A 68 -0.91 -17.46 8.93
N ILE A 69 -1.96 -17.67 8.14
CA ILE A 69 -1.74 -18.10 6.77
C ILE A 69 -1.82 -16.86 5.87
N ASN A 70 -0.83 -16.70 5.01
CA ASN A 70 -0.71 -15.50 4.19
C ASN A 70 -0.95 -15.77 2.71
N ILE A 71 -1.88 -15.00 2.12
CA ILE A 71 -2.25 -15.22 0.74
C ILE A 71 -1.84 -14.05 -0.16
N ILE A 72 -1.09 -14.34 -1.21
CA ILE A 72 -0.84 -13.34 -2.24
C ILE A 72 -1.84 -13.59 -3.37
N GLY A 73 -2.79 -12.68 -3.56
CA GLY A 73 -3.97 -12.94 -4.38
C GLY A 73 -3.81 -12.83 -5.90
N ASN A 74 -4.87 -13.15 -6.63
CA ASN A 74 -4.89 -13.09 -8.09
C ASN A 74 -4.43 -11.73 -8.63
N GLY A 75 -4.69 -10.68 -7.85
CA GLY A 75 -4.51 -9.33 -8.32
C GLY A 75 -3.08 -8.85 -8.27
N VAL A 76 -2.22 -9.56 -7.52
CA VAL A 76 -0.85 -9.09 -7.31
C VAL A 76 -0.02 -9.36 -8.53
N VAL A 77 0.91 -8.46 -8.82
CA VAL A 77 1.87 -8.68 -9.88
C VAL A 77 3.17 -9.16 -9.21
N VAL A 78 3.51 -10.42 -9.40
CA VAL A 78 4.57 -11.07 -8.63
C VAL A 78 5.88 -11.21 -9.39
N SER A 79 6.93 -10.60 -8.89
CA SER A 79 8.25 -10.90 -9.41
C SER A 79 8.80 -12.10 -8.63
N PRO A 80 9.02 -13.23 -9.31
CA PRO A 80 9.55 -14.36 -8.55
C PRO A 80 10.88 -14.01 -7.84
N GLU A 81 11.79 -13.28 -8.49
CA GLU A 81 13.06 -12.90 -7.84
C GLU A 81 12.83 -12.13 -6.55
N VAL A 82 12.02 -11.08 -6.62
CA VAL A 82 11.74 -10.27 -5.44
C VAL A 82 11.04 -11.13 -4.39
N LEU A 83 10.20 -12.04 -4.82
CA LEU A 83 9.45 -12.82 -3.84
C LEU A 83 10.39 -13.78 -3.11
N ILE A 84 11.30 -14.41 -3.88
CA ILE A 84 12.20 -15.40 -3.32
C ILE A 84 13.14 -14.73 -2.33
N ALA A 85 13.61 -13.53 -2.66
CA ALA A 85 14.47 -12.75 -1.78
C ALA A 85 13.74 -12.37 -0.50
N GLU A 86 12.50 -11.90 -0.59
CA GLU A 86 11.71 -11.66 0.61
C GLU A 86 11.51 -12.94 1.45
N ALA A 88 13.48 -15.38 1.82
CA ALA A 88 14.73 -15.76 2.45
C ALA A 88 14.93 -15.14 3.84
N GLN A 89 14.14 -14.12 4.17
CA GLN A 89 14.18 -13.52 5.49
C GLN A 89 13.56 -14.46 6.50
N PHE A 90 12.99 -15.56 6.01
CA PHE A 90 12.32 -16.50 6.89
C PHE A 90 12.89 -17.88 6.64
N GLU A 91 12.92 -18.69 7.68
CA GLU A 91 13.43 -20.06 7.52
C GLU A 91 12.46 -21.00 6.82
N ASN A 92 11.22 -21.09 7.33
CA ASN A 92 10.24 -21.93 6.67
C ASN A 92 8.86 -21.34 6.60
N LEU A 93 8.40 -21.06 5.38
CA LEU A 93 7.06 -20.52 5.16
C LEU A 93 6.01 -21.53 4.69
N LYS A 94 6.42 -22.78 4.47
CA LYS A 94 5.48 -23.77 3.98
C LYS A 94 4.30 -23.89 4.94
N GLY A 95 3.10 -23.86 4.38
CA GLY A 95 1.87 -23.82 5.13
C GLY A 95 1.47 -22.43 5.60
N ARG A 96 2.42 -21.50 5.63
CA ARG A 96 2.16 -20.10 6.01
C ARG A 96 1.98 -19.07 4.89
N LEU A 97 2.33 -19.46 3.67
CA LEU A 97 2.37 -18.57 2.53
C LEU A 97 1.84 -19.30 1.29
N TYR A 98 0.82 -18.73 0.67
CA TYR A 98 0.31 -19.27 -0.59
C TYR A 98 0.23 -18.20 -1.66
N ILE A 99 0.65 -18.55 -2.86
CA ILE A 99 0.67 -17.64 -3.99
C ILE A 99 -0.34 -18.05 -5.06
N SER A 100 -1.19 -17.11 -5.45
CA SER A 100 -2.18 -17.38 -6.46
C SER A 100 -1.61 -17.88 -7.77
N ASP A 101 -2.14 -19.00 -8.24
CA ASP A 101 -1.74 -19.49 -9.55
C ASP A 101 -2.22 -18.56 -10.67
N ARG A 102 -3.09 -17.60 -10.34
CA ARG A 102 -3.58 -16.60 -11.32
C ARG A 102 -2.86 -15.24 -11.30
N ALA A 103 -1.86 -15.11 -10.44
CA ALA A 103 -1.14 -13.84 -10.31
C ALA A 103 -0.17 -13.70 -11.47
N HIS A 104 -0.03 -12.47 -11.96
CA HIS A 104 0.82 -12.23 -13.11
C HIS A 104 2.27 -12.17 -12.71
N LEU A 105 3.12 -12.62 -13.62
CA LEU A 105 4.55 -12.72 -13.39
C LEU A 105 5.24 -11.48 -13.90
N ASN A 106 6.14 -10.95 -13.10
CA ASN A 106 6.99 -9.88 -13.52
C ASN A 106 8.39 -10.46 -13.56
N LEU A 107 8.87 -10.71 -14.77
CA LEU A 107 10.10 -11.47 -14.97
C LEU A 107 11.25 -10.57 -15.37
N LYS A 108 12.41 -11.18 -15.52
CA LYS A 108 13.61 -10.44 -15.83
C LYS A 108 13.39 -9.53 -17.03
N HIS A 109 12.79 -10.06 -18.08
CA HIS A 109 12.67 -9.27 -19.30
C HIS A 109 11.82 -8.01 -19.11
N HIS A 110 10.88 -8.02 -18.18
CA HIS A 110 10.11 -6.82 -17.86
C HIS A 110 10.99 -5.72 -17.27
N SER A 111 11.95 -6.13 -16.45
CA SER A 111 12.92 -5.18 -15.93
C SER A 111 13.77 -4.61 -17.05
N LEU A 112 14.26 -5.46 -17.93
CA LEU A 112 15.09 -4.98 -19.04
C LEU A 112 14.31 -4.01 -19.91
N ILE A 113 13.05 -4.34 -20.22
CA ILE A 113 12.20 -3.46 -21.00
C ILE A 113 12.04 -2.14 -20.29
N ASP A 114 11.86 -2.21 -18.97
CA ASP A 114 11.56 -1.04 -18.18
C ASP A 114 12.75 -0.06 -18.24
N ILE A 115 13.95 -0.63 -18.21
CA ILE A 115 15.18 0.14 -18.17
C ILE A 115 15.43 0.80 -19.51
N ALA A 116 15.27 0.05 -20.58
CA ALA A 116 15.45 0.61 -21.90
C ALA A 116 14.46 1.73 -22.15
N LYS A 117 13.24 1.58 -21.66
CA LYS A 117 12.21 2.60 -21.86
C LYS A 117 12.57 3.90 -21.15
N GLU A 118 13.22 3.80 -19.98
CA GLU A 118 13.63 5.00 -19.27
C GLU A 118 14.76 5.70 -20.01
N LYS A 119 15.73 4.92 -20.45
CA LYS A 119 16.80 5.40 -21.31
C LYS A 119 16.17 6.24 -22.43
N LEU A 120 15.33 5.62 -23.24
CA LEU A 120 14.74 6.29 -24.40
C LEU A 120 14.15 7.67 -24.08
N LYS A 121 13.71 7.89 -22.84
CA LYS A 121 13.33 9.25 -22.42
C LYS A 121 14.57 10.09 -22.11
N GLY A 130 11.36 -0.81 -7.99
CA GLY A 130 10.30 -1.66 -8.51
C GLY A 130 10.31 -1.86 -10.02
N LYS A 131 11.43 -2.30 -10.57
CA LYS A 131 11.53 -2.45 -12.01
C LYS A 131 10.61 -3.56 -12.54
N GLY A 132 10.15 -3.37 -13.76
CA GLY A 132 9.44 -4.41 -14.46
C GLY A 132 7.96 -4.38 -14.19
N ILE A 133 7.54 -3.69 -13.12
CA ILE A 133 6.13 -3.64 -12.77
C ILE A 133 5.23 -3.09 -13.90
N GLY A 134 5.63 -1.96 -14.48
CA GLY A 134 4.82 -1.35 -15.53
C GLY A 134 4.66 -2.28 -16.71
N PRO A 135 5.78 -2.78 -17.25
CA PRO A 135 5.66 -3.64 -18.42
C PRO A 135 4.92 -4.95 -18.11
N SER A 136 5.06 -5.45 -16.88
CA SER A 136 4.34 -6.65 -16.47
C SER A 136 2.82 -6.38 -16.43
N TYR A 137 2.43 -5.22 -15.91
CA TYR A 137 1.02 -4.81 -15.91
C TYR A 137 0.53 -4.65 -17.33
N ALA A 138 1.36 -4.03 -18.17
CA ALA A 138 0.96 -3.86 -19.55
C ALA A 138 0.66 -5.23 -20.15
N ASP A 139 1.54 -6.21 -19.92
CA ASP A 139 1.33 -7.54 -20.49
C ASP A 139 0.08 -8.17 -19.92
N LYS A 140 -0.25 -7.81 -18.69
CA LYS A 140 -1.49 -8.32 -18.08
C LYS A 140 -2.72 -7.79 -18.84
N ILE A 141 -2.80 -6.47 -18.94
CA ILE A 141 -3.90 -5.81 -19.64
C ILE A 141 -3.99 -6.21 -21.12
N ASN A 142 -2.86 -6.43 -21.78
CA ASN A 142 -2.91 -6.90 -23.18
C ASN A 142 -3.12 -8.40 -23.28
N ARG A 143 -3.16 -9.06 -22.13
CA ARG A 143 -3.38 -10.49 -22.11
C ARG A 143 -2.31 -11.24 -22.87
N THR A 144 -1.11 -10.66 -22.94
CA THR A 144 0.05 -11.42 -23.45
C THR A 144 0.99 -11.97 -22.35
N GLY A 145 0.76 -11.60 -21.10
CA GLY A 145 1.66 -12.01 -20.01
C GLY A 145 1.41 -13.44 -19.52
N HIS A 146 2.23 -13.92 -18.61
CA HIS A 146 2.05 -15.25 -18.06
C HIS A 146 1.88 -15.17 -16.56
N ARG A 147 1.33 -16.22 -15.99
CA ARG A 147 0.86 -16.17 -14.61
C ARG A 147 1.58 -17.25 -13.81
N VAL A 148 1.53 -17.11 -12.49
CA VAL A 148 2.23 -17.98 -11.57
C VAL A 148 2.00 -19.49 -11.81
N GLY A 149 0.76 -19.89 -12.02
CA GLY A 149 0.52 -21.30 -12.28
C GLY A 149 1.37 -21.88 -13.39
N GLU A 150 1.78 -21.07 -14.35
CA GLU A 150 2.54 -21.61 -15.46
C GLU A 150 3.95 -22.02 -15.05
N LEU A 151 4.39 -21.56 -13.89
CA LEU A 151 5.71 -21.96 -13.40
C LEU A 151 5.70 -23.47 -13.08
N LEU A 152 4.53 -24.07 -12.84
CA LEU A 152 4.45 -25.51 -12.62
C LEU A 152 4.85 -26.30 -13.88
N GLU A 153 4.95 -25.63 -15.04
CA GLU A 153 5.49 -26.25 -16.26
C GLU A 153 6.55 -25.37 -16.90
N PRO A 154 7.74 -25.36 -16.32
CA PRO A 154 8.81 -24.43 -16.72
C PRO A 154 9.16 -24.54 -18.21
N GLN A 155 9.19 -25.76 -18.73
CA GLN A 155 9.64 -25.98 -20.09
C GLN A 155 8.58 -25.41 -21.03
N ARG A 156 7.32 -25.64 -20.71
CA ARG A 156 6.23 -25.11 -21.51
C ARG A 156 6.25 -23.58 -21.49
N LEU A 157 6.34 -23.00 -20.28
CA LEU A 157 6.38 -21.55 -20.11
C LEU A 157 7.57 -20.93 -20.87
N CYS A 158 8.74 -21.54 -20.71
CA CYS A 158 9.93 -21.12 -21.44
C CYS A 158 9.72 -21.10 -22.97
N GLU A 159 9.06 -22.13 -23.49
CA GLU A 159 8.86 -22.20 -24.93
C GLU A 159 7.89 -21.11 -25.37
N ALA A 160 6.86 -20.90 -24.58
CA ALA A 160 5.87 -19.89 -24.92
C ALA A 160 6.51 -18.50 -24.91
N LEU A 161 7.32 -18.24 -23.89
CA LEU A 161 7.98 -16.94 -23.79
C LEU A 161 8.91 -16.70 -24.96
N ILE A 162 9.66 -17.73 -25.36
CA ILE A 162 10.55 -17.61 -26.51
C ILE A 162 9.75 -17.22 -27.75
N LYS A 163 8.61 -17.88 -27.94
CA LYS A 163 7.74 -17.55 -29.07
C LYS A 163 7.27 -16.10 -29.00
N ASP A 164 6.86 -15.67 -27.81
CA ASP A 164 6.47 -14.29 -27.59
C ASP A 164 7.57 -13.32 -27.99
N PHE A 165 8.82 -13.59 -27.59
CA PHE A 165 9.90 -12.66 -27.86
C PHE A 165 10.11 -12.53 -29.37
N GLU A 166 10.08 -13.66 -30.06
N GLU A 166 10.06 -13.66 -30.06
CA GLU A 166 10.26 -13.69 -31.50
CA GLU A 166 10.28 -13.68 -31.50
C GLU A 166 9.22 -12.79 -32.17
C GLU A 166 9.21 -12.85 -32.23
N ALA A 167 7.96 -13.04 -31.84
CA ALA A 167 6.85 -12.27 -32.39
C ALA A 167 7.00 -10.77 -32.11
N ASN A 168 7.68 -10.46 -31.01
CA ASN A 168 7.95 -9.10 -30.57
C ASN A 168 9.31 -8.55 -30.96
N LYS A 169 10.07 -9.27 -31.78
CA LYS A 169 11.47 -8.88 -31.97
C LYS A 169 11.72 -7.41 -32.38
N THR A 170 10.81 -6.82 -33.15
CA THR A 170 11.00 -5.42 -33.53
C THR A 170 10.87 -4.52 -32.31
N PHE A 171 10.08 -4.93 -31.33
CA PHE A 171 9.97 -4.15 -30.10
C PHE A 171 11.31 -4.22 -29.35
N PHE A 172 11.96 -5.38 -29.42
CA PHE A 172 13.23 -5.53 -28.73
C PHE A 172 14.32 -4.73 -29.44
N GLU A 173 14.35 -4.82 -30.77
CA GLU A 173 15.25 -3.99 -31.58
C GLU A 173 15.07 -2.51 -31.28
N LEU A 175 14.13 -1.20 -28.69
CA LEU A 175 14.65 -0.87 -27.36
C LEU A 175 16.14 -1.17 -27.25
N GLU A 176 16.71 -1.71 -28.33
CA GLU A 176 18.14 -2.07 -28.34
C GLU A 176 18.51 -3.05 -27.24
N ILE A 177 17.62 -4.00 -26.95
CA ILE A 177 18.00 -5.06 -26.04
C ILE A 177 17.83 -6.37 -26.74
N GLU A 178 18.75 -7.30 -26.49
CA GLU A 178 18.73 -8.55 -27.25
C GLU A 178 17.61 -9.47 -26.79
N ILE A 179 17.20 -10.40 -27.65
CA ILE A 179 16.25 -11.42 -27.24
C ILE A 179 16.87 -12.27 -26.13
N PRO A 180 16.19 -12.36 -24.98
CA PRO A 180 16.70 -13.12 -23.83
C PRO A 180 17.13 -14.53 -24.23
N SER A 181 18.19 -15.03 -23.60
CA SER A 181 18.69 -16.39 -23.83
C SER A 181 17.68 -17.44 -23.40
N ALA A 182 17.45 -18.43 -24.26
CA ALA A 182 16.55 -19.52 -23.93
C ALA A 182 17.10 -20.38 -22.78
N GLU A 183 18.41 -20.61 -22.82
N GLU A 183 18.41 -20.62 -22.83
CA GLU A 183 19.07 -21.41 -21.80
CA GLU A 183 19.13 -21.39 -21.80
C GLU A 183 18.99 -20.73 -20.42
C GLU A 183 18.97 -20.73 -20.43
N GLU A 184 19.32 -19.46 -20.36
CA GLU A 184 19.20 -18.71 -19.11
C GLU A 184 17.75 -18.71 -18.59
N LEU A 185 16.81 -18.44 -19.50
CA LEU A 185 15.40 -18.36 -19.14
C LEU A 185 14.92 -19.69 -18.54
N LEU A 186 15.29 -20.80 -19.20
CA LEU A 186 14.84 -22.11 -18.70
C LEU A 186 15.40 -22.32 -17.30
N ALA A 187 16.66 -21.93 -17.11
CA ALA A 187 17.31 -22.17 -15.83
C ALA A 187 16.63 -21.35 -14.74
N ASP A 188 16.23 -20.11 -15.05
CA ASP A 188 15.56 -19.29 -14.03
C ASP A 188 14.16 -19.85 -13.76
N LEU A 189 13.49 -20.25 -14.82
CA LEU A 189 12.13 -20.76 -14.65
C LEU A 189 12.13 -22.07 -13.85
N LYS A 190 13.11 -22.93 -14.12
CA LYS A 190 13.23 -24.20 -13.38
C LYS A 190 13.49 -23.89 -11.93
N ARG A 191 14.39 -22.94 -11.69
CA ARG A 191 14.64 -22.55 -10.32
C ARG A 191 13.36 -22.05 -9.65
N PHE A 192 12.56 -21.26 -10.37
CA PHE A 192 11.37 -20.68 -9.73
C PHE A 192 10.42 -21.83 -9.43
N ASN A 193 10.37 -22.77 -10.37
CA ASN A 193 9.52 -23.93 -10.21
C ASN A 193 9.88 -24.74 -8.95
N GLU A 194 11.17 -24.97 -8.76
CA GLU A 194 11.65 -25.86 -7.68
C GLU A 194 11.40 -25.22 -6.35
N ILE A 195 11.66 -23.93 -6.30
CA ILE A 195 11.44 -23.15 -5.08
C ILE A 195 9.98 -22.86 -4.79
N LEU A 196 9.21 -22.46 -5.80
CA LEU A 196 7.84 -21.98 -5.49
C LEU A 196 6.76 -23.03 -5.52
N THR A 197 7.06 -24.21 -6.06
CA THR A 197 5.99 -25.20 -6.22
C THR A 197 5.13 -25.42 -4.96
N PRO A 198 5.77 -25.52 -3.77
CA PRO A 198 5.03 -25.80 -2.54
C PRO A 198 4.10 -24.68 -2.11
N TYR A 199 4.32 -23.47 -2.60
CA TYR A 199 3.44 -22.34 -2.28
C TYR A 199 2.35 -22.01 -3.30
N ILE A 200 2.42 -22.60 -4.48
CA ILE A 200 1.49 -22.19 -5.50
C ILE A 200 0.19 -22.98 -5.38
N THR A 201 -0.93 -22.29 -5.23
CA THR A 201 -2.22 -22.98 -5.20
C THR A 201 -3.36 -22.12 -5.78
N ASP A 202 -4.60 -22.63 -5.76
CA ASP A 202 -5.72 -21.79 -6.18
C ASP A 202 -6.16 -21.04 -4.94
N THR A 203 -5.88 -19.74 -4.93
CA THR A 203 -6.08 -18.96 -3.72
C THR A 203 -7.52 -18.53 -3.56
N THR A 204 -8.28 -18.59 -4.63
CA THR A 204 -9.69 -18.24 -4.58
C THR A 204 -10.41 -19.37 -3.86
N ARG A 205 -10.14 -20.60 -4.28
CA ARG A 205 -10.74 -21.74 -3.60
C ARG A 205 -10.39 -21.74 -2.10
N LEU A 207 -9.35 -19.18 -0.16
CA LEU A 207 -9.92 -18.11 0.65
C LEU A 207 -11.43 -18.34 0.86
N TRP A 208 -12.10 -18.83 -0.17
CA TRP A 208 -13.54 -19.09 -0.02
C TRP A 208 -13.80 -20.15 1.08
N LYS A 209 -12.98 -21.20 1.07
CA LYS A 209 -13.04 -22.23 2.09
C LYS A 209 -12.86 -21.63 3.50
N ALA A 210 -11.84 -20.80 3.68
CA ALA A 210 -11.63 -20.12 4.97
C ALA A 210 -12.87 -19.39 5.44
N LEU A 211 -13.50 -18.60 4.57
CA LEU A 211 -14.68 -17.86 5.02
C LEU A 211 -15.85 -18.82 5.29
N ASP A 212 -15.98 -19.84 4.46
CA ASP A 212 -17.02 -20.85 4.67
C ASP A 212 -16.88 -21.48 6.06
N GLU A 213 -15.65 -21.66 6.54
CA GLU A 213 -15.36 -22.28 7.82
C GLU A 213 -15.33 -21.26 8.93
N ASP A 214 -15.73 -20.03 8.60
N ASP A 214 -15.72 -20.03 8.58
CA ASP A 214 -15.84 -18.95 9.58
CA ASP A 214 -15.86 -18.97 9.55
C ASP A 214 -14.50 -18.56 10.17
C ASP A 214 -14.50 -18.62 10.18
N LYS A 215 -13.43 -18.75 9.40
CA LYS A 215 -12.10 -18.33 9.84
C LYS A 215 -11.97 -16.81 9.83
N ARG A 216 -11.00 -16.29 10.55
CA ARG A 216 -10.82 -14.83 10.60
C ARG A 216 -9.86 -14.38 9.53
N VAL A 217 -10.31 -13.41 8.74
CA VAL A 217 -9.62 -12.96 7.54
C VAL A 217 -9.41 -11.45 7.49
N LEU A 218 -8.17 -11.05 7.27
CA LEU A 218 -7.84 -9.66 7.11
C LEU A 218 -7.29 -9.46 5.70
N LEU A 219 -7.79 -8.42 5.02
CA LEU A 219 -7.24 -8.03 3.73
C LEU A 219 -6.43 -6.77 3.94
N GLU A 220 -5.18 -6.83 3.55
CA GLU A 220 -4.29 -5.73 3.72
C GLU A 220 -4.27 -5.01 2.38
N GLY A 221 -4.88 -3.82 2.29
CA GLY A 221 -4.79 -2.99 1.08
C GLY A 221 -3.38 -2.47 1.09
N ALA A 222 -2.65 -2.59 -0.01
N ALA A 222 -2.64 -2.59 0.00
CA ALA A 222 -1.23 -2.30 0.08
CA ALA A 222 -1.23 -2.28 0.10
C ALA A 222 -0.77 -0.88 -0.36
C ALA A 222 -0.79 -0.87 -0.35
N GLN A 223 -1.69 -0.07 -0.88
N GLN A 223 -1.73 -0.06 -0.85
CA GLN A 223 -1.29 1.28 -1.31
CA GLN A 223 -1.33 1.26 -1.35
C GLN A 223 -2.28 2.41 -1.00
C GLN A 223 -2.29 2.42 -1.01
N GLY A 224 -1.75 3.64 -0.98
CA GLY A 224 -2.54 4.83 -0.67
C GLY A 224 -3.79 5.06 -1.54
N SER A 225 -4.92 5.30 -0.89
CA SER A 225 -6.16 5.54 -1.63
C SER A 225 -6.03 6.68 -2.63
N LEU A 227 -3.62 7.27 -4.37
CA LEU A 227 -2.85 6.74 -5.51
C LEU A 227 -3.64 5.79 -6.39
N ASP A 228 -4.93 5.62 -6.07
CA ASP A 228 -5.79 4.75 -6.88
C ASP A 228 -5.82 5.17 -8.35
N ILE A 229 -5.77 4.22 -9.29
CA ILE A 229 -5.63 4.58 -10.71
C ILE A 229 -6.82 5.42 -11.22
N ASP A 230 -8.02 5.05 -10.80
CA ASP A 230 -9.26 5.78 -11.15
C ASP A 230 -9.54 7.02 -10.30
N HIS A 231 -9.42 6.86 -8.98
CA HIS A 231 -9.84 7.92 -8.08
C HIS A 231 -8.76 8.84 -7.51
N GLY A 232 -7.49 8.55 -7.79
CA GLY A 232 -6.38 9.25 -7.15
C GLY A 232 -5.96 10.44 -7.99
N THR A 233 -4.80 11.05 -7.73
CA THR A 233 -4.56 12.26 -8.49
C THR A 233 -3.85 11.86 -9.75
N TYR A 234 -4.62 11.74 -10.82
CA TYR A 234 -4.06 11.17 -12.04
C TYR A 234 -3.27 12.29 -12.71
N PRO A 235 -2.18 11.98 -13.43
CA PRO A 235 -1.38 10.79 -13.73
C PRO A 235 -0.53 10.32 -12.55
N TYR A 236 -0.40 11.08 -11.46
CA TYR A 236 0.50 10.51 -10.47
C TYR A 236 -0.29 9.64 -9.51
N VAL A 237 -0.27 8.35 -9.85
CA VAL A 237 -1.06 7.34 -9.14
C VAL A 237 -0.38 6.02 -9.47
N THR A 238 -0.79 4.91 -8.86
CA THR A 238 -0.25 3.59 -9.25
C THR A 238 -1.13 3.10 -10.38
N SER A 239 -0.87 1.88 -10.86
CA SER A 239 -1.54 1.32 -12.01
C SER A 239 -2.79 0.58 -11.60
N SER A 240 -3.03 0.47 -10.31
CA SER A 240 -4.07 -0.43 -9.86
C SER A 240 -5.09 0.27 -8.97
N SER A 241 -6.22 -0.38 -8.76
CA SER A 241 -7.21 0.10 -7.81
C SER A 241 -6.63 -0.08 -6.43
N THR A 242 -6.60 0.99 -5.64
CA THR A 242 -6.21 0.85 -4.24
C THR A 242 -7.28 0.88 -3.17
N ILE A 243 -8.54 1.08 -3.55
CA ILE A 243 -9.54 1.23 -2.50
C ILE A 243 -10.16 -0.11 -2.13
N SER A 244 -11.01 -0.11 -1.10
CA SER A 244 -11.41 -1.37 -0.48
C SER A 244 -12.11 -2.33 -1.43
N ALA A 245 -12.93 -1.82 -2.33
CA ALA A 245 -13.64 -2.77 -3.19
C ALA A 245 -12.64 -3.38 -4.17
N GLY A 246 -11.58 -2.66 -4.44
CA GLY A 246 -10.53 -3.22 -5.26
C GLY A 246 -9.88 -4.37 -4.52
N THR A 247 -9.78 -4.27 -3.20
N THR A 247 -9.77 -4.27 -3.18
CA THR A 247 -9.14 -5.32 -2.42
CA THR A 247 -9.14 -5.34 -2.41
C THR A 247 -9.99 -6.59 -2.51
C THR A 247 -9.99 -6.60 -2.49
N LEU A 248 -11.31 -6.44 -2.50
CA LEU A 248 -12.19 -7.59 -2.68
C LEU A 248 -11.94 -8.24 -4.05
N THR A 249 -11.87 -7.40 -5.07
CA THR A 249 -11.77 -7.89 -6.44
C THR A 249 -10.50 -8.72 -6.71
N GLY A 250 -9.36 -8.25 -6.24
CA GLY A 250 -8.12 -8.95 -6.48
C GLY A 250 -8.09 -10.33 -5.82
N LEU A 251 -8.89 -10.50 -4.77
CA LEU A 251 -8.95 -11.78 -4.05
C LEU A 251 -10.11 -12.66 -4.47
N GLY A 252 -10.96 -12.18 -5.37
CA GLY A 252 -12.12 -12.98 -5.76
C GLY A 252 -13.22 -13.00 -4.71
N LEU A 253 -13.38 -11.89 -4.00
CA LEU A 253 -14.37 -11.82 -2.91
C LEU A 253 -15.47 -10.88 -3.36
N ASN A 254 -16.64 -11.00 -2.74
CA ASN A 254 -17.79 -10.25 -3.22
C ASN A 254 -18.19 -9.22 -2.16
N PRO A 255 -18.95 -8.20 -2.54
CA PRO A 255 -19.28 -7.11 -1.61
C PRO A 255 -19.93 -7.60 -0.30
N LYS A 256 -20.66 -8.71 -0.34
CA LYS A 256 -21.26 -9.24 0.89
C LYS A 256 -20.21 -9.75 1.87
N GLU A 257 -19.00 -9.97 1.39
CA GLU A 257 -17.96 -10.51 2.24
C GLU A 257 -17.11 -9.43 2.95
N ALA A 258 -17.48 -8.17 2.79
CA ALA A 258 -16.71 -7.12 3.46
C ALA A 258 -17.18 -6.89 4.89
N GLY A 259 -16.21 -6.98 5.80
CA GLY A 259 -16.38 -6.86 7.23
C GLY A 259 -16.10 -5.46 7.67
N ASN A 260 -15.45 -5.36 8.83
CA ASN A 260 -14.97 -4.08 9.32
C ASN A 260 -13.81 -3.54 8.49
N ILE A 261 -13.86 -2.24 8.21
CA ILE A 261 -12.91 -1.58 7.35
C ILE A 261 -12.29 -0.40 8.08
N ILE A 262 -10.99 -0.48 8.31
CA ILE A 262 -10.23 0.51 9.07
C ILE A 262 -9.34 1.30 8.12
N GLY A 263 -9.49 2.62 8.10
CA GLY A 263 -8.58 3.46 7.35
C GLY A 263 -7.43 3.90 8.21
N ILE A 264 -6.25 4.01 7.61
CA ILE A 264 -5.07 4.41 8.35
C ILE A 264 -4.64 5.76 7.84
N VAL A 265 -4.51 6.70 8.76
CA VAL A 265 -4.28 8.06 8.35
C VAL A 265 -3.28 8.72 9.30
N LYS A 266 -2.31 9.44 8.73
CA LYS A 266 -1.38 10.26 9.48
C LYS A 266 -2.04 11.57 9.89
N ALA A 267 -1.54 12.15 10.99
CA ALA A 267 -2.08 13.39 11.52
C ALA A 267 -1.71 14.59 10.64
N TYR A 268 -0.87 14.34 9.63
CA TYR A 268 -0.54 15.31 8.60
C TYR A 268 -0.37 14.50 7.30
N ALA A 269 0.06 15.14 6.22
CA ALA A 269 0.12 14.47 4.92
C ALA A 269 1.51 14.52 4.28
N THR A 270 1.84 13.47 3.52
CA THR A 270 3.08 13.43 2.75
C THR A 270 2.83 12.91 1.33
N ARG A 271 3.68 13.32 0.39
CA ARG A 271 3.74 12.71 -0.94
C ARG A 271 5.20 12.46 -1.25
N VAL A 272 5.47 11.34 -1.90
CA VAL A 272 6.82 11.05 -2.33
C VAL A 272 7.22 11.77 -3.62
N GLY A 273 6.38 11.72 -4.65
CA GLY A 273 6.81 12.30 -5.91
C GLY A 273 6.11 13.61 -6.24
N ASN A 274 6.09 13.95 -7.52
CA ASN A 274 5.32 15.07 -8.01
C ASN A 274 3.82 14.81 -7.98
N GLY A 275 3.03 15.81 -8.40
CA GLY A 275 1.58 15.71 -8.38
C GLY A 275 0.88 16.60 -7.37
N ALA A 276 -0.39 16.87 -7.65
CA ALA A 276 -1.14 17.82 -6.85
C ALA A 276 -0.99 17.45 -5.39
N PHE A 277 -0.73 18.47 -4.58
CA PHE A 277 -0.62 18.31 -3.14
C PHE A 277 -1.11 19.58 -2.45
N PRO A 278 -2.43 19.76 -2.31
CA PRO A 278 -2.98 21.03 -1.85
C PRO A 278 -2.38 21.59 -0.56
N THR A 279 -2.21 20.73 0.44
CA THR A 279 -1.79 21.18 1.76
C THR A 279 -0.28 21.19 1.97
N GLU A 280 0.50 20.98 0.90
CA GLU A 280 1.95 20.99 1.03
C GLU A 280 2.44 22.26 1.73
N ASP A 281 3.41 22.11 2.62
CA ASP A 281 4.05 23.27 3.24
C ASP A 281 5.55 23.26 2.90
N LYS A 282 5.97 24.25 2.13
CA LYS A 282 7.32 24.33 1.61
C LYS A 282 8.22 25.20 2.49
N GLY A 283 7.68 25.64 3.62
CA GLY A 283 8.44 26.40 4.58
C GLY A 283 8.93 25.62 5.79
N GLU A 284 9.12 26.31 6.89
CA GLU A 284 9.80 25.73 8.06
C GLU A 284 8.93 24.73 8.78
N ASP A 285 7.62 24.98 8.79
CA ASP A 285 6.69 24.03 9.38
C ASP A 285 6.82 22.67 8.68
N GLY A 286 6.78 22.70 7.36
CA GLY A 286 6.86 21.46 6.61
C GLY A 286 8.18 20.76 6.84
N GLU A 287 9.24 21.56 6.88
CA GLU A 287 10.56 21.03 7.08
C GLU A 287 10.62 20.33 8.44
N LYS A 288 9.99 20.95 9.44
CA LYS A 288 10.02 20.39 10.79
C LYS A 288 9.34 19.04 10.81
N ILE A 289 8.13 19.01 10.26
CA ILE A 289 7.35 17.78 10.09
C ILE A 289 8.21 16.69 9.45
N ALA A 290 8.88 17.05 8.36
CA ALA A 290 9.71 16.06 7.68
C ALA A 290 10.76 15.48 8.62
N GLN A 291 11.38 16.34 9.43
CA GLN A 291 12.49 15.88 10.29
C GLN A 291 11.94 15.03 11.41
N ILE A 292 10.96 15.57 12.11
CA ILE A 292 10.41 14.90 13.28
C ILE A 292 9.70 13.64 12.87
N GLY A 293 8.93 13.69 11.78
CA GLY A 293 8.21 12.52 11.30
C GLY A 293 9.12 11.55 10.58
N LYS A 294 10.36 11.96 10.38
CA LYS A 294 11.33 11.12 9.70
C LYS A 294 10.83 10.72 8.33
N GLU A 295 10.35 11.70 7.55
CA GLU A 295 9.78 11.28 6.30
C GLU A 295 10.89 11.46 5.29
N ILE A 296 11.59 10.37 5.07
CA ILE A 296 12.82 10.39 4.30
C ILE A 296 12.88 9.11 3.53
N GLY A 297 13.14 9.20 2.23
CA GLY A 297 13.19 7.99 1.42
C GLY A 297 14.31 7.10 1.91
N VAL A 298 13.99 5.86 2.21
CA VAL A 298 14.98 4.93 2.70
C VAL A 298 16.09 4.72 1.67
N SER A 299 15.72 4.64 0.40
CA SER A 299 16.67 4.40 -0.68
C SER A 299 17.46 5.61 -1.18
N THR A 300 16.81 6.77 -1.27
CA THR A 300 17.51 7.99 -1.70
C THR A 300 17.99 8.94 -0.63
N GLY A 301 17.55 8.73 0.61
CA GLY A 301 17.74 9.74 1.64
C GLY A 301 17.08 11.10 1.39
N ARG A 302 16.19 11.18 0.39
CA ARG A 302 15.49 12.43 0.10
C ARG A 302 14.29 12.67 1.02
N LYS A 303 14.19 13.89 1.52
CA LYS A 303 13.04 14.33 2.27
C LYS A 303 11.76 14.23 1.38
N ARG A 304 10.69 13.65 1.93
CA ARG A 304 9.41 13.62 1.25
C ARG A 304 8.74 14.99 1.34
N ARG A 305 7.82 15.26 0.42
CA ARG A 305 6.99 16.45 0.53
C ARG A 305 6.03 16.29 1.70
N CYS A 306 5.92 17.33 2.54
CA CYS A 306 5.03 17.28 3.72
C CYS A 306 4.03 18.41 3.77
N GLY A 307 2.88 18.16 4.40
CA GLY A 307 1.86 19.18 4.44
C GLY A 307 0.89 18.95 5.56
N TRP A 308 -0.04 19.88 5.72
CA TRP A 308 -1.05 19.80 6.78
C TRP A 308 -2.11 18.75 6.45
N PHE A 309 -2.81 18.28 7.47
CA PHE A 309 -3.84 17.29 7.28
C PHE A 309 -4.85 17.85 6.29
N ASP A 310 -5.26 17.04 5.31
CA ASP A 310 -6.24 17.52 4.33
C ASP A 310 -7.56 16.80 4.60
N ALA A 311 -8.52 17.53 5.15
CA ALA A 311 -9.76 16.88 5.55
C ALA A 311 -10.66 16.63 4.35
N VAL A 312 -10.44 17.38 3.26
CA VAL A 312 -11.28 17.21 2.07
C VAL A 312 -10.89 15.89 1.39
N ALA A 313 -9.57 15.70 1.21
CA ALA A 313 -9.00 14.47 0.69
C ALA A 313 -9.36 13.28 1.58
N VAL A 314 -9.22 13.45 2.89
CA VAL A 314 -9.54 12.35 3.78
C VAL A 314 -11.04 11.99 3.80
N ARG A 315 -11.92 12.97 3.73
N ARG A 315 -11.91 12.97 3.73
CA ARG A 315 -13.35 12.66 3.68
CA ARG A 315 -13.35 12.66 3.68
C ARG A 315 -13.64 11.88 2.39
C ARG A 315 -13.65 11.89 2.39
N TYR A 316 -13.02 12.32 1.30
CA TYR A 316 -13.16 11.66 0.00
C TYR A 316 -12.75 10.18 0.08
N THR A 317 -11.55 9.90 0.58
CA THR A 317 -11.06 8.51 0.60
C THR A 317 -11.77 7.68 1.65
N ALA A 318 -12.28 8.33 2.69
CA ALA A 318 -13.10 7.62 3.68
C ALA A 318 -14.37 7.08 3.06
N ARG A 319 -14.98 7.89 2.22
CA ARG A 319 -16.21 7.49 1.55
C ARG A 319 -15.88 6.46 0.45
N LEU A 320 -14.82 6.70 -0.34
CA LEU A 320 -14.42 5.70 -1.36
C LEU A 320 -14.20 4.34 -0.73
N ASN A 321 -13.58 4.29 0.45
CA ASN A 321 -13.32 3.01 1.15
C ASN A 321 -14.44 2.43 2.02
N GLY A 322 -15.42 3.26 2.39
CA GLY A 322 -16.49 2.78 3.28
C GLY A 322 -15.96 2.48 4.68
N LEU A 323 -15.16 3.40 5.21
CA LEU A 323 -14.51 3.20 6.52
C LEU A 323 -15.52 3.09 7.66
N ASP A 324 -15.32 2.08 8.50
CA ASP A 324 -15.96 2.02 9.81
C ASP A 324 -15.22 2.84 10.86
N ALA A 325 -13.90 2.97 10.70
CA ALA A 325 -13.06 3.60 11.72
C ALA A 325 -11.77 4.15 11.15
N LEU A 326 -11.22 5.18 11.82
CA LEU A 326 -9.91 5.72 11.49
C LEU A 326 -8.89 5.30 12.53
N SER A 327 -7.68 5.08 12.07
CA SER A 327 -6.56 4.89 12.98
C SER A 327 -5.54 5.99 12.68
N LEU A 328 -5.38 6.89 13.64
CA LEU A 328 -4.64 8.13 13.48
C LEU A 328 -3.21 7.97 13.98
N LYS A 330 1.14 9.03 14.15
CA LYS A 330 2.15 10.10 14.24
C LYS A 330 1.64 11.44 14.76
N LEU A 331 0.64 11.41 15.62
CA LEU A 331 0.14 12.64 16.27
C LEU A 331 1.26 13.42 16.97
N ASP A 332 2.21 12.68 17.54
CA ASP A 332 3.33 13.30 18.24
C ASP A 332 4.16 14.18 17.33
N VAL A 333 4.08 13.97 16.03
CA VAL A 333 4.96 14.72 15.14
C VAL A 333 4.59 16.20 15.18
N LEU A 334 3.38 16.50 15.66
CA LEU A 334 2.95 17.88 15.80
C LEU A 334 3.19 18.49 17.19
N ASP A 335 3.81 17.73 18.11
CA ASP A 335 4.11 18.24 19.45
C ASP A 335 4.85 19.56 19.33
N GLY A 336 4.36 20.58 20.04
CA GLY A 336 5.12 21.79 20.20
C GLY A 336 4.97 22.80 19.09
N PHE A 337 4.10 22.51 18.13
CA PHE A 337 3.67 23.53 17.19
C PHE A 337 2.76 24.53 17.90
N GLU A 338 3.01 25.82 17.70
CA GLU A 338 2.18 26.85 18.32
C GLU A 338 0.83 26.82 17.64
N LYS A 339 0.85 26.70 16.32
CA LYS A 339 -0.39 26.58 15.59
C LYS A 339 -0.33 25.45 14.55
N ILE A 340 -1.45 24.76 14.39
CA ILE A 340 -1.56 23.72 13.37
C ILE A 340 -2.73 24.00 12.41
N LYS A 341 -2.61 23.56 11.17
CA LYS A 341 -3.67 23.79 10.20
C LYS A 341 -4.41 22.52 9.82
N ILE A 342 -5.68 22.69 9.49
CA ILE A 342 -6.48 21.64 8.87
C ILE A 342 -7.12 22.26 7.66
N CYS A 343 -7.08 21.56 6.53
CA CYS A 343 -7.68 22.11 5.33
C CYS A 343 -9.11 21.61 5.33
N ARG A 344 -10.06 22.51 5.54
CA ARG A 344 -11.45 22.10 5.67
C ARG A 344 -12.23 22.19 4.36
N ALA A 345 -11.66 22.82 3.36
CA ALA A 345 -12.36 23.01 2.11
C ALA A 345 -11.34 23.54 1.14
N TYR A 346 -11.77 23.73 -0.12
CA TYR A 346 -10.89 24.24 -1.16
C TYR A 346 -11.52 25.46 -1.85
N GLU A 347 -10.66 26.31 -2.37
CA GLU A 347 -11.06 27.34 -3.30
C GLU A 347 -10.73 26.82 -4.70
N TYR A 348 -11.77 26.69 -5.51
CA TYR A 348 -11.68 26.07 -6.82
C TYR A 348 -12.49 26.87 -7.85
N LYS A 349 -11.83 27.36 -8.89
CA LYS A 349 -12.57 28.07 -9.93
C LYS A 349 -13.52 29.11 -9.30
N GLY A 350 -13.00 29.89 -8.36
CA GLY A 350 -13.76 30.98 -7.77
C GLY A 350 -14.79 30.61 -6.72
N GLU A 352 -15.93 28.05 -3.20
CA GLU A 352 -15.51 27.17 -2.12
C GLU A 352 -16.15 25.80 -2.40
N ILE A 353 -15.33 24.75 -2.45
CA ILE A 353 -15.87 23.39 -2.64
C ILE A 353 -15.45 22.46 -1.51
N ASP A 354 -16.34 21.51 -1.24
CA ASP A 354 -16.20 20.45 -0.22
C ASP A 354 -15.73 19.07 -0.72
N TYR A 355 -15.32 18.96 -1.99
CA TYR A 355 -15.02 17.67 -2.60
C TYR A 355 -13.68 17.61 -3.36
N ILE A 356 -13.27 16.41 -3.73
CA ILE A 356 -12.05 16.26 -4.49
C ILE A 356 -12.37 16.26 -5.99
N PRO A 357 -11.98 17.35 -6.69
CA PRO A 357 -12.20 17.48 -8.13
C PRO A 357 -11.17 16.69 -8.90
N SER A 358 -11.43 16.38 -10.16
CA SER A 358 -10.50 15.57 -10.90
C SER A 358 -9.22 16.33 -11.16
N ASP A 359 -9.28 17.64 -11.25
CA ASP A 359 -8.04 18.34 -11.46
C ASP A 359 -7.67 19.04 -10.16
N LEU A 360 -6.81 18.40 -9.37
CA LEU A 360 -6.58 18.85 -8.00
C LEU A 360 -5.55 19.98 -8.01
N GLU A 361 -4.76 20.02 -9.08
N GLU A 361 -4.75 20.04 -9.07
CA GLU A 361 -3.75 21.05 -9.24
CA GLU A 361 -3.75 21.09 -9.20
C GLU A 361 -4.39 22.44 -9.29
C GLU A 361 -4.40 22.47 -9.22
N ASN A 362 -5.69 22.51 -9.50
CA ASN A 362 -6.42 23.79 -9.56
C ASN A 362 -7.10 24.24 -8.26
N VAL A 363 -6.85 23.55 -7.15
CA VAL A 363 -7.54 23.97 -5.93
C VAL A 363 -6.50 24.65 -5.06
N GLN A 364 -6.97 25.51 -4.15
N GLN A 364 -6.98 25.49 -4.15
CA GLN A 364 -6.13 26.05 -3.09
CA GLN A 364 -6.13 26.06 -3.09
C GLN A 364 -6.74 25.68 -1.75
C GLN A 364 -6.74 25.71 -1.75
N PRO A 365 -5.90 25.39 -0.76
CA PRO A 365 -6.44 24.93 0.52
C PRO A 365 -7.13 26.08 1.24
N ILE A 366 -8.24 25.77 1.90
CA ILE A 366 -8.86 26.71 2.85
C ILE A 366 -8.68 26.17 4.26
N TYR A 367 -7.85 26.84 5.05
CA TYR A 367 -7.48 26.34 6.35
C TYR A 367 -8.28 26.86 7.52
N GLU A 368 -8.50 25.97 8.48
CA GLU A 368 -8.81 26.36 9.85
C GLU A 368 -7.46 26.32 10.54
N GLU A 369 -7.20 27.30 11.41
CA GLU A 369 -6.01 27.25 12.23
C GLU A 369 -6.44 26.78 13.62
N ASP A 371 -4.94 25.68 17.85
CA ASP A 371 -3.87 25.83 18.82
C ASP A 371 -3.16 24.50 19.04
N GLY A 372 -1.83 24.54 18.97
CA GLY A 372 -1.03 23.35 19.18
C GLY A 372 -1.02 22.91 20.64
N TRP A 373 -0.14 21.96 20.93
CA TRP A 373 0.06 21.45 22.29
C TRP A 373 1.54 21.24 22.51
N ASP A 374 1.92 20.98 23.75
N ASP A 374 1.93 20.99 23.74
CA ASP A 374 3.31 20.72 24.12
CA ASP A 374 3.32 20.74 24.07
C ASP A 374 3.73 19.30 23.75
C ASP A 374 3.74 19.29 23.75
N LYS A 375 3.11 18.32 24.39
CA LYS A 375 3.39 16.91 24.08
C LYS A 375 2.18 15.99 24.12
N VAL A 376 1.92 15.23 23.05
CA VAL A 376 1.11 14.02 23.20
C VAL A 376 2.00 12.78 23.26
N PHE A 377 3.30 12.99 23.04
CA PHE A 377 4.24 11.88 22.84
C PHE A 377 4.19 10.91 24.00
N GLY A 378 4.02 9.63 23.69
CA GLY A 378 4.04 8.57 24.69
C GLY A 378 2.76 8.37 25.48
N ILE A 379 1.84 9.32 25.43
CA ILE A 379 0.62 9.24 26.24
C ILE A 379 -0.21 8.03 25.86
N LYS A 380 -0.53 7.18 26.84
CA LYS A 380 -1.42 6.03 26.62
C LYS A 380 -2.89 6.19 27.05
N ASP A 381 -3.27 7.35 27.59
CA ASP A 381 -4.64 7.50 28.10
C ASP A 381 -5.33 8.71 27.50
N TYR A 382 -6.50 8.52 26.90
CA TYR A 382 -7.22 9.62 26.25
C TYR A 382 -7.34 10.86 27.14
N ASP A 383 -7.79 10.67 28.37
CA ASP A 383 -8.01 11.77 29.30
C ASP A 383 -6.76 12.61 29.53
N LEU A 384 -5.60 11.95 29.56
CA LEU A 384 -4.32 12.64 29.77
C LEU A 384 -3.84 13.48 28.58
N LEU A 385 -4.53 13.39 27.43
CA LEU A 385 -4.14 14.18 26.27
C LEU A 385 -4.32 15.66 26.53
N PRO A 386 -3.37 16.48 26.05
CA PRO A 386 -3.51 17.93 26.05
C PRO A 386 -4.87 18.26 25.48
N GLU A 387 -5.59 19.18 26.11
CA GLU A 387 -6.95 19.48 25.67
C GLU A 387 -7.00 19.93 24.20
N ASN A 388 -5.97 20.65 23.76
N ASN A 388 -5.94 20.59 23.76
CA ASN A 388 -5.89 21.06 22.36
CA ASN A 388 -5.81 21.05 22.40
C ASN A 388 -5.78 19.85 21.42
C ASN A 388 -5.70 19.88 21.41
N ALA A 389 -5.08 18.80 21.86
CA ALA A 389 -4.98 17.59 21.08
C ALA A 389 -6.35 16.90 20.97
N LYS A 390 -7.09 16.87 22.08
CA LYS A 390 -8.44 16.32 22.02
C LYS A 390 -9.30 17.11 21.02
N LYS A 391 -9.13 18.43 20.99
CA LYS A 391 -9.92 19.26 20.09
C LYS A 391 -9.57 18.97 18.63
N TYR A 392 -8.27 18.81 18.37
CA TYR A 392 -7.76 18.53 17.04
C TYR A 392 -8.29 17.19 16.56
N ILE A 393 -8.15 16.17 17.39
CA ILE A 393 -8.73 14.86 17.08
C ILE A 393 -10.24 14.95 16.79
N ALA A 394 -11.00 15.59 17.68
CA ALA A 394 -12.44 15.72 17.48
C ALA A 394 -12.74 16.45 16.18
N ARG A 395 -11.91 17.42 15.83
CA ARG A 395 -12.15 18.20 14.61
C ARG A 395 -11.92 17.35 13.33
N LEU A 396 -10.87 16.52 13.33
CA LEU A 396 -10.61 15.60 12.23
C LEU A 396 -11.78 14.66 12.05
N GLU A 397 -12.13 13.98 13.13
CA GLU A 397 -13.26 13.04 13.13
C GLU A 397 -14.47 13.69 12.51
N GLU A 398 -14.79 14.89 12.97
CA GLU A 398 -15.96 15.59 12.50
C GLU A 398 -15.87 15.83 10.99
N LEU A 399 -14.75 16.38 10.53
CA LEU A 399 -14.58 16.67 9.11
C LEU A 399 -14.49 15.42 8.23
N ALA A 400 -13.91 14.35 8.77
CA ALA A 400 -13.74 13.10 8.03
C ALA A 400 -15.05 12.35 7.88
N GLY A 401 -15.88 12.43 8.91
CA GLY A 401 -17.13 11.69 8.92
C GLY A 401 -16.98 10.29 9.47
N VAL A 402 -15.83 10.01 10.08
CA VAL A 402 -15.59 8.67 10.61
C VAL A 402 -14.99 8.79 11.98
N LYS A 403 -15.42 7.92 12.88
CA LYS A 403 -14.88 7.93 14.22
C LYS A 403 -13.40 7.54 14.22
N VAL A 404 -12.61 8.18 15.08
CA VAL A 404 -11.25 7.76 15.31
C VAL A 404 -11.24 6.75 16.45
N LYS A 405 -10.89 5.50 16.14
CA LYS A 405 -10.82 4.45 17.17
C LYS A 405 -9.42 4.11 17.67
N TYR A 406 -8.42 4.72 17.08
N TYR A 406 -8.42 4.69 17.05
CA TYR A 406 -7.03 4.39 17.38
CA TYR A 406 -7.05 4.39 17.44
C TYR A 406 -6.22 5.65 17.29
C TYR A 406 -6.19 5.63 17.28
N ILE A 407 -5.36 5.88 18.29
CA ILE A 407 -4.41 6.99 18.21
C ILE A 407 -3.03 6.50 18.62
N SER A 408 -2.04 6.80 17.79
CA SER A 408 -0.70 6.37 18.08
C SER A 408 0.06 7.61 18.48
N THR A 409 0.59 7.59 19.69
CA THR A 409 1.29 8.76 20.23
C THR A 409 2.82 8.66 20.10
N SER A 410 3.31 7.56 19.53
CA SER A 410 4.75 7.38 19.31
C SER A 410 4.99 6.08 18.55
N PRO A 411 6.23 5.85 18.15
CA PRO A 411 6.60 4.65 17.38
C PRO A 411 6.47 3.36 18.18
N GLU A 412 6.46 3.48 19.50
CA GLU A 412 6.41 2.30 20.35
C GLU A 412 5.08 1.62 20.16
N ARG A 413 5.11 0.31 19.91
CA ARG A 413 3.89 -0.45 19.70
C ARG A 413 2.92 -0.22 20.85
N ASP A 414 3.50 -0.04 22.03
N ASP A 414 3.46 -0.06 22.05
CA ASP A 414 2.73 0.06 23.27
CA ASP A 414 2.63 0.06 23.26
C ASP A 414 1.96 1.38 23.39
C ASP A 414 1.92 1.40 23.38
N ASP A 415 2.37 2.42 22.66
CA ASP A 415 1.75 3.72 22.89
C ASP A 415 0.67 3.95 21.86
N THR A 416 -0.53 3.67 22.33
CA THR A 416 -1.73 3.70 21.53
C THR A 416 -2.91 3.97 22.43
N ILE A 417 -3.86 4.77 21.97
CA ILE A 417 -5.05 5.05 22.72
C ILE A 417 -6.22 4.47 21.97
N ILE A 418 -7.10 3.80 22.69
CA ILE A 418 -8.27 3.16 22.09
C ILE A 418 -9.60 3.81 22.48
N LEU A 419 -10.43 4.12 21.50
CA LEU A 419 -11.68 4.80 21.77
C LEU A 419 -12.88 3.99 21.31
#